data_2YXX
#
_entry.id   2YXX
#
_cell.length_a   87.818
_cell.length_b   98.276
_cell.length_c   109.304
_cell.angle_alpha   90.00
_cell.angle_beta   90.00
_cell.angle_gamma   90.00
#
_symmetry.space_group_name_H-M   'I 2 2 2'
#
loop_
_entity.id
_entity.type
_entity.pdbx_description
1 polymer 'Diaminopimelate decarboxylase'
2 non-polymer "PYRIDOXAL-5'-PHOSPHATE"
3 water water
#
_entity_poly.entity_id   1
_entity_poly.type   'polypeptide(L)'
_entity_poly.pdbx_seq_one_letter_code
;(MSE)DILRKVAEIHGTPTYVYFEETLRKRSRLVKEVFEGVNLLPTFAVKANNNPVLLKILREEGFG(MSE)DVVTKGEL
LAAKLAGVPSHTVVWNGNGKSRDQ(MSE)EHFLREDVRIVNVDSFEE(MSE)EIWRELNPEGVEYFIRVNPEVDAKTHPH
ISTGLKKHKFGIPLEDLDSF(MSE)ERFRS(MSE)NIRGLHVHIGSQITRVEPFVEAFSKVVRASERYGFEEINIGGGWG
INYSGEELDLSSYREKVVPDLKRFKRVIVEIGRYIVAPSGYLLLRVVLVKRRHNKAFVVVDGG(MSE)NVLIRPALYSAY
HRIFVLGKQGKE(MSE)RADVVGPLCESGDVIAYDRELPEVEPGDIIAVENAGAYGYT(MSE)SNNYNSTTRPAEVLVRE
NGRISLIRRRETE(MSE)DIFKDVV(MSE)
;
_entity_poly.pdbx_strand_id   A
#
# COMPACT_ATOMS: atom_id res chain seq x y z
N ASP A 2 19.86 -14.51 12.90
CA ASP A 2 20.18 -13.62 14.01
C ASP A 2 19.78 -12.18 13.69
N ILE A 3 19.71 -11.87 12.40
CA ILE A 3 19.62 -10.48 11.96
C ILE A 3 18.46 -9.76 12.64
N LEU A 4 17.33 -10.43 12.74
CA LEU A 4 16.12 -9.82 13.30
C LEU A 4 16.26 -9.60 14.80
N ARG A 5 16.83 -10.58 15.49
CA ARG A 5 17.15 -10.44 16.90
C ARG A 5 18.20 -9.36 17.12
N LYS A 6 19.20 -9.33 16.25
CA LYS A 6 20.15 -8.23 16.22
C LYS A 6 19.44 -6.89 16.36
N VAL A 7 18.46 -6.65 15.50
CA VAL A 7 17.73 -5.40 15.49
C VAL A 7 16.98 -5.20 16.80
N ALA A 8 16.37 -6.22 17.32
CA ALA A 8 15.62 -6.05 18.57
C ALA A 8 16.58 -5.76 19.72
N GLU A 9 17.82 -6.28 19.64
CA GLU A 9 18.72 -6.01 20.76
C GLU A 9 19.17 -4.61 20.81
N ILE A 10 19.34 -4.00 19.65
CA ILE A 10 19.80 -2.64 19.54
C ILE A 10 18.72 -1.60 19.66
N HIS A 11 17.57 -1.88 19.02
CA HIS A 11 16.48 -0.89 18.99
C HIS A 11 15.25 -1.17 19.77
N GLY A 12 15.17 -2.32 20.42
CA GLY A 12 13.99 -2.59 21.21
C GLY A 12 12.81 -2.96 20.31
N THR A 13 11.61 -3.00 20.91
CA THR A 13 10.34 -3.35 20.27
C THR A 13 9.29 -2.48 20.93
N PRO A 14 8.14 -2.28 20.28
CA PRO A 14 7.79 -2.81 18.93
C PRO A 14 8.61 -2.03 17.87
N THR A 15 9.02 -2.76 16.83
CA THR A 15 9.85 -2.11 15.80
C THR A 15 9.53 -2.82 14.45
N TYR A 16 9.24 -2.00 13.46
CA TYR A 16 9.10 -2.56 12.07
C TYR A 16 10.52 -2.60 11.54
N VAL A 17 10.85 -3.68 10.84
CA VAL A 17 12.19 -3.84 10.28
C VAL A 17 11.99 -4.11 8.82
N TYR A 18 12.64 -3.29 7.98
CA TYR A 18 12.52 -3.41 6.49
C TYR A 18 13.84 -3.82 5.92
N PHE A 19 13.75 -4.59 4.86
CA PHE A 19 14.98 -5.10 4.16
C PHE A 19 15.05 -4.44 2.80
N GLU A 20 16.12 -3.65 2.61
CA GLU A 20 16.31 -2.95 1.36
C GLU A 20 16.29 -3.97 0.21
N GLU A 21 16.96 -5.10 0.43
CA GLU A 21 17.05 -6.08 -0.66
C GLU A 21 15.70 -6.50 -1.19
N THR A 22 14.73 -6.73 -0.31
CA THR A 22 13.40 -7.14 -0.72
C THR A 22 12.65 -6.07 -1.46
N LEU A 23 12.82 -4.85 -0.96
CA LEU A 23 12.17 -3.70 -1.59
C LEU A 23 12.68 -3.48 -3.00
N ARG A 24 13.98 -3.64 -3.21
CA ARG A 24 14.47 -3.50 -4.57
C ARG A 24 14.04 -4.71 -5.44
N LYS A 25 14.19 -5.92 -4.90
CA LYS A 25 13.80 -7.03 -5.76
C LYS A 25 12.33 -7.02 -6.15
N ARG A 26 11.46 -6.65 -5.19
CA ARG A 26 10.04 -6.70 -5.57
C ARG A 26 9.77 -5.56 -6.53
N SER A 27 10.42 -4.39 -6.35
CA SER A 27 10.11 -3.33 -7.29
C SER A 27 10.59 -3.73 -8.74
N ARG A 28 11.74 -4.36 -8.81
CA ARG A 28 12.26 -4.82 -10.12
C ARG A 28 11.33 -5.90 -10.69
N LEU A 29 10.73 -6.74 -9.88
CA LEU A 29 9.82 -7.77 -10.31
C LEU A 29 8.58 -7.13 -10.99
N VAL A 30 8.05 -6.07 -10.36
CA VAL A 30 6.90 -5.43 -10.95
C VAL A 30 7.29 -4.88 -12.34
N LYS A 31 8.43 -4.18 -12.44
CA LYS A 31 8.81 -3.62 -13.70
C LYS A 31 8.97 -4.70 -14.74
N GLU A 32 9.51 -5.83 -14.38
CA GLU A 32 9.81 -6.90 -15.33
C GLU A 32 8.55 -7.50 -15.90
N VAL A 33 7.49 -7.47 -15.14
CA VAL A 33 6.23 -8.04 -15.65
C VAL A 33 5.79 -7.26 -16.86
N PHE A 34 6.08 -5.98 -16.84
CA PHE A 34 5.68 -5.08 -17.96
C PHE A 34 6.74 -4.87 -19.05
N GLU A 35 7.75 -5.74 -19.14
CA GLU A 35 8.75 -5.58 -20.21
C GLU A 35 7.98 -5.50 -21.58
N GLY A 36 8.36 -4.58 -22.44
CA GLY A 36 7.62 -4.44 -23.71
C GLY A 36 6.64 -3.28 -23.68
N VAL A 37 6.26 -2.89 -22.47
CA VAL A 37 5.32 -1.76 -22.27
C VAL A 37 6.09 -0.49 -21.93
N ASN A 38 5.56 0.71 -22.34
CA ASN A 38 6.20 2.02 -22.07
C ASN A 38 5.70 2.37 -20.68
N LEU A 39 6.30 1.76 -19.70
CA LEU A 39 5.83 1.93 -18.31
C LEU A 39 6.39 3.09 -17.50
N LEU A 40 5.50 3.77 -16.78
CA LEU A 40 5.93 4.76 -15.76
C LEU A 40 5.38 4.11 -14.47
N PRO A 41 6.23 3.38 -13.71
CA PRO A 41 5.78 2.71 -12.47
C PRO A 41 5.77 3.74 -11.35
N THR A 42 4.72 3.69 -10.55
CA THR A 42 4.67 4.57 -9.32
C THR A 42 4.33 3.73 -8.14
N PHE A 43 4.76 4.22 -6.95
CA PHE A 43 4.49 3.54 -5.70
C PHE A 43 3.38 4.31 -4.99
N ALA A 44 2.46 3.52 -4.48
CA ALA A 44 1.33 4.14 -3.69
C ALA A 44 1.85 4.44 -2.28
N VAL A 45 2.00 5.76 -2.05
CA VAL A 45 2.52 6.22 -0.78
C VAL A 45 1.61 5.89 0.39
N LYS A 46 0.34 5.69 0.11
CA LYS A 46 -0.51 5.34 1.25
C LYS A 46 -0.08 4.06 1.95
N ALA A 47 0.61 3.18 1.22
CA ALA A 47 1.04 1.92 1.84
C ALA A 47 2.21 2.10 2.78
N ASN A 48 3.04 3.13 2.54
CA ASN A 48 4.22 3.31 3.46
C ASN A 48 4.76 4.72 3.09
N ASN A 49 4.82 5.65 4.08
CA ASN A 49 5.24 6.98 3.73
C ASN A 49 6.68 7.32 4.26
N ASN A 50 7.48 6.32 4.66
CA ASN A 50 8.81 6.72 5.18
C ASN A 50 9.69 7.15 4.01
N PRO A 51 10.15 8.40 3.99
CA PRO A 51 10.96 8.84 2.81
C PRO A 51 12.20 8.03 2.55
N VAL A 52 12.81 7.43 3.59
CA VAL A 52 14.01 6.65 3.33
C VAL A 52 13.71 5.44 2.43
N LEU A 53 12.51 4.85 2.66
CA LEU A 53 12.08 3.70 1.81
C LEU A 53 11.63 4.24 0.45
N LEU A 54 10.98 5.41 0.41
CA LEU A 54 10.61 5.94 -0.87
C LEU A 54 11.81 6.31 -1.77
N LYS A 55 12.88 6.73 -1.11
CA LYS A 55 14.12 7.03 -1.91
C LYS A 55 14.61 5.76 -2.64
N ILE A 56 14.61 4.61 -1.95
CA ILE A 56 14.99 3.36 -2.57
C ILE A 56 14.11 3.11 -3.82
N LEU A 57 12.81 3.30 -3.70
CA LEU A 57 11.93 3.07 -4.83
C LEU A 57 12.17 4.09 -5.96
N ARG A 58 12.47 5.31 -5.61
CA ARG A 58 12.83 6.31 -6.63
C ARG A 58 14.08 5.88 -7.39
N GLU A 59 15.07 5.34 -6.64
CA GLU A 59 16.28 4.84 -7.28
C GLU A 59 15.97 3.72 -8.23
N GLU A 60 14.91 2.96 -7.98
CA GLU A 60 14.50 1.85 -8.84
C GLU A 60 13.59 2.33 -10.00
N GLY A 61 13.47 3.63 -10.16
CA GLY A 61 12.72 4.14 -11.31
C GLY A 61 11.25 4.40 -11.07
N PHE A 62 10.85 4.42 -9.79
CA PHE A 62 9.43 4.68 -9.51
C PHE A 62 9.16 6.11 -9.21
N GLY A 63 8.01 6.54 -9.74
CA GLY A 63 7.40 7.83 -9.38
C GLY A 63 6.50 7.45 -8.18
N ASP A 65 2.45 7.83 -6.33
CA ASP A 65 1.03 8.07 -6.34
C ASP A 65 0.72 8.60 -4.98
N VAL A 66 0.29 9.88 -4.96
CA VAL A 66 0.03 10.59 -3.73
C VAL A 66 -1.40 11.10 -3.66
N VAL A 67 -1.92 11.33 -2.47
CA VAL A 67 -3.29 11.80 -2.29
C VAL A 67 -3.37 13.12 -1.62
N THR A 68 -2.48 13.33 -0.65
CA THR A 68 -2.55 14.51 0.20
C THR A 68 -1.30 15.37 0.05
N LYS A 69 -1.37 16.60 0.56
CA LYS A 69 -0.17 17.39 0.82
C LYS A 69 0.90 16.55 1.51
N GLY A 70 0.50 15.83 2.55
CA GLY A 70 1.44 15.06 3.35
C GLY A 70 2.21 14.04 2.52
N GLU A 71 1.51 13.37 1.62
CA GLU A 71 2.15 12.38 0.71
C GLU A 71 3.07 13.06 -0.29
N LEU A 72 2.63 14.24 -0.75
CA LEU A 72 3.46 14.97 -1.67
C LEU A 72 4.77 15.37 -0.95
N LEU A 73 4.63 15.79 0.31
CA LEU A 73 5.91 16.14 1.09
C LEU A 73 6.78 14.90 1.27
N ALA A 74 6.16 13.73 1.52
CA ALA A 74 7.07 12.53 1.63
C ALA A 74 7.84 12.33 0.35
N ALA A 75 7.12 12.56 -0.80
CA ALA A 75 7.85 12.39 -2.07
C ALA A 75 8.99 13.38 -2.19
N LYS A 76 8.71 14.59 -1.77
CA LYS A 76 9.71 15.64 -1.85
C LYS A 76 10.92 15.30 -0.95
N LEU A 77 10.60 14.79 0.25
CA LEU A 77 11.70 14.37 1.16
C LEU A 77 12.55 13.28 0.56
N ALA A 78 11.97 12.45 -0.33
CA ALA A 78 12.65 11.35 -0.95
C ALA A 78 13.31 11.74 -2.27
N GLY A 79 13.32 13.04 -2.56
CA GLY A 79 13.98 13.56 -3.74
C GLY A 79 13.36 13.06 -5.02
N VAL A 80 12.04 12.88 -5.00
CA VAL A 80 11.30 12.48 -6.20
C VAL A 80 10.99 13.69 -7.07
N PRO A 81 11.42 13.63 -8.32
CA PRO A 81 11.10 14.68 -9.30
C PRO A 81 9.60 14.82 -9.50
N SER A 82 9.10 16.06 -9.43
CA SER A 82 7.65 16.31 -9.46
C SER A 82 6.97 15.84 -10.71
N HIS A 83 7.68 15.73 -11.84
CA HIS A 83 7.02 15.21 -13.05
C HIS A 83 6.78 13.71 -13.05
N THR A 84 7.15 13.04 -11.94
CA THR A 84 6.87 11.60 -11.85
C THR A 84 5.83 11.35 -10.73
N VAL A 85 5.13 12.42 -10.30
CA VAL A 85 4.13 12.30 -9.24
C VAL A 85 2.75 12.23 -9.94
N VAL A 86 1.88 11.31 -9.44
CA VAL A 86 0.49 11.22 -9.96
C VAL A 86 -0.37 11.58 -8.77
N TRP A 87 -1.31 12.51 -8.92
CA TRP A 87 -2.17 12.92 -7.77
C TRP A 87 -3.56 12.28 -7.87
N ASN A 88 -3.87 11.45 -6.92
CA ASN A 88 -5.21 10.83 -6.77
C ASN A 88 -5.96 11.54 -5.64
N GLY A 89 -7.30 11.45 -5.73
CA GLY A 89 -8.07 11.86 -4.55
C GLY A 89 -9.49 12.24 -4.93
N ASN A 90 -10.44 11.93 -4.03
CA ASN A 90 -11.82 12.31 -4.20
C ASN A 90 -12.20 13.59 -3.49
N GLY A 91 -11.25 14.20 -2.77
CA GLY A 91 -11.61 15.43 -2.06
C GLY A 91 -10.54 16.45 -2.27
N LYS A 92 -10.19 16.68 -3.53
CA LYS A 92 -9.15 17.71 -3.84
C LYS A 92 -9.78 19.13 -3.71
N SER A 93 -9.20 19.92 -2.85
CA SER A 93 -9.75 21.31 -2.65
C SER A 93 -8.95 22.29 -3.55
N ARG A 94 -9.53 23.46 -3.81
CA ARG A 94 -8.80 24.46 -4.59
C ARG A 94 -7.45 24.81 -3.96
N ASP A 95 -7.40 24.95 -2.63
CA ASP A 95 -6.14 25.24 -1.86
C ASP A 95 -5.10 24.13 -2.17
N GLN A 96 -5.54 22.89 -2.12
CA GLN A 96 -4.63 21.79 -2.41
C GLN A 96 -4.19 21.87 -3.87
N GLU A 98 -3.78 24.46 -5.71
CA GLU A 98 -2.81 25.47 -5.98
C GLU A 98 -1.51 25.06 -5.42
N HIS A 99 -1.53 24.39 -4.29
CA HIS A 99 -0.27 23.92 -3.75
C HIS A 99 0.43 22.87 -4.62
N PHE A 100 -0.31 21.87 -5.07
CA PHE A 100 0.28 20.89 -5.96
C PHE A 100 0.81 21.55 -7.25
N LEU A 101 0.08 22.54 -7.77
CA LEU A 101 0.56 23.19 -8.97
C LEU A 101 1.87 23.95 -8.69
N ARG A 102 1.93 24.61 -7.54
CA ARG A 102 3.18 25.31 -7.21
C ARG A 102 4.35 24.36 -7.13
N GLU A 103 4.06 23.08 -6.80
CA GLU A 103 5.15 22.08 -6.78
C GLU A 103 5.45 21.38 -8.12
N ASP A 104 4.82 21.86 -9.19
CA ASP A 104 5.00 21.32 -10.50
C ASP A 104 4.51 19.87 -10.71
N VAL A 105 3.41 19.51 -10.05
CA VAL A 105 2.77 18.18 -10.29
C VAL A 105 1.95 18.40 -11.54
N ARG A 106 2.02 17.47 -12.44
CA ARG A 106 1.31 17.71 -13.71
C ARG A 106 0.53 16.50 -14.12
N ILE A 107 0.28 15.50 -13.23
CA ILE A 107 -0.49 14.36 -13.68
C ILE A 107 -1.57 14.21 -12.61
N VAL A 108 -2.87 14.27 -13.04
CA VAL A 108 -3.99 14.27 -12.08
C VAL A 108 -5.02 13.27 -12.47
N ASN A 109 -5.37 12.38 -11.53
CA ASN A 109 -6.44 11.39 -11.80
C ASN A 109 -7.68 12.03 -11.22
N VAL A 110 -8.51 12.56 -12.16
CA VAL A 110 -9.75 13.27 -11.80
C VAL A 110 -10.85 12.27 -11.29
N ASP A 111 -11.45 12.56 -10.13
CA ASP A 111 -12.36 11.61 -9.52
C ASP A 111 -13.82 11.88 -9.88
N SER A 112 -14.12 13.10 -10.31
CA SER A 112 -15.52 13.39 -10.48
C SER A 112 -15.77 14.54 -11.42
N PHE A 113 -17.03 14.67 -11.84
CA PHE A 113 -17.37 15.90 -12.61
C PHE A 113 -17.15 17.16 -11.80
N GLU A 114 -17.44 17.07 -10.50
CA GLU A 114 -17.34 18.25 -9.69
C GLU A 114 -15.88 18.71 -9.53
N GLU A 115 -14.98 17.76 -9.37
CA GLU A 115 -13.59 18.14 -9.33
C GLU A 115 -13.15 18.77 -10.64
N GLU A 117 -14.82 20.54 -12.67
CA GLU A 117 -15.27 21.94 -12.79
C GLU A 117 -14.33 22.89 -12.06
N ILE A 118 -13.80 22.42 -10.91
CA ILE A 118 -12.83 23.27 -10.15
C ILE A 118 -11.53 23.39 -10.93
N TRP A 119 -11.03 22.30 -11.52
CA TRP A 119 -9.84 22.44 -12.39
C TRP A 119 -10.05 23.47 -13.50
N ARG A 120 -11.25 23.50 -14.09
CA ARG A 120 -11.46 24.55 -15.12
C ARG A 120 -11.41 25.95 -14.54
N GLU A 121 -11.78 26.13 -13.29
CA GLU A 121 -11.75 27.50 -12.84
C GLU A 121 -10.31 27.96 -12.66
N LEU A 122 -9.40 26.99 -12.48
CA LEU A 122 -8.01 27.33 -12.34
C LEU A 122 -7.31 27.35 -13.69
N ASN A 123 -7.77 26.44 -14.55
CA ASN A 123 -7.27 26.18 -15.88
C ASN A 123 -5.78 26.13 -16.04
N PRO A 124 -5.11 25.32 -15.23
CA PRO A 124 -3.66 25.28 -15.34
C PRO A 124 -3.09 24.76 -16.60
N GLU A 125 -1.93 25.33 -16.91
CA GLU A 125 -1.27 24.87 -18.08
C GLU A 125 -0.37 23.70 -17.74
N GLY A 126 -0.12 22.85 -18.71
CA GLY A 126 0.80 21.78 -18.50
C GLY A 126 0.29 20.57 -17.76
N VAL A 127 -0.93 20.62 -17.28
CA VAL A 127 -1.43 19.47 -16.51
C VAL A 127 -2.06 18.44 -17.43
N GLU A 128 -1.76 17.18 -17.22
CA GLU A 128 -2.35 16.06 -17.94
C GLU A 128 -3.41 15.46 -17.00
N TYR A 129 -4.65 15.30 -17.52
CA TYR A 129 -5.68 14.72 -16.71
C TYR A 129 -6.02 13.30 -17.13
N PHE A 130 -6.28 12.40 -16.14
CA PHE A 130 -6.77 11.07 -16.51
C PHE A 130 -8.09 10.95 -15.78
N ILE A 131 -9.07 10.31 -16.41
CA ILE A 131 -10.35 10.25 -15.75
C ILE A 131 -10.54 8.93 -15.04
N ARG A 132 -10.73 8.95 -13.69
CA ARG A 132 -10.94 7.68 -13.01
C ARG A 132 -12.35 7.08 -13.34
N VAL A 133 -12.35 5.84 -13.88
CA VAL A 133 -13.59 5.16 -14.28
C VAL A 133 -13.73 3.86 -13.58
N ASN A 134 -15.00 3.46 -13.38
CA ASN A 134 -15.28 2.21 -12.65
C ASN A 134 -15.96 1.24 -13.61
N PRO A 135 -15.22 0.27 -14.18
CA PRO A 135 -15.82 -0.71 -15.12
C PRO A 135 -16.68 -1.67 -14.28
N GLU A 136 -17.70 -2.17 -14.92
CA GLU A 136 -18.57 -3.19 -14.31
C GLU A 136 -17.72 -4.52 -14.33
N VAL A 137 -17.69 -5.25 -13.23
CA VAL A 137 -16.90 -6.49 -13.22
C VAL A 137 -17.92 -7.60 -12.92
N ASP A 138 -17.85 -8.71 -13.65
CA ASP A 138 -18.78 -9.83 -13.44
C ASP A 138 -19.14 -10.07 -11.98
N ALA A 139 -20.36 -9.66 -11.64
CA ALA A 139 -20.92 -9.77 -10.29
C ALA A 139 -20.84 -11.18 -9.67
N LYS A 140 -21.22 -12.20 -10.44
CA LYS A 140 -21.16 -13.59 -9.96
C LYS A 140 -19.81 -14.26 -10.34
N THR A 141 -18.74 -14.00 -9.56
CA THR A 141 -17.36 -14.53 -9.73
C THR A 141 -16.37 -13.78 -8.82
N HIS A 142 -16.38 -12.46 -8.90
CA HIS A 142 -15.56 -11.60 -8.05
C HIS A 142 -16.60 -10.59 -7.63
N PRO A 143 -17.48 -11.01 -6.70
CA PRO A 143 -18.60 -10.26 -6.12
C PRO A 143 -18.12 -9.17 -5.19
N HIS A 144 -16.90 -9.34 -4.68
CA HIS A 144 -16.32 -8.38 -3.76
C HIS A 144 -15.71 -7.17 -4.51
N ILE A 145 -15.11 -7.41 -5.66
CA ILE A 145 -14.54 -6.32 -6.46
C ILE A 145 -15.66 -5.55 -7.17
N SER A 146 -16.66 -6.29 -7.65
CA SER A 146 -17.79 -5.74 -8.37
C SER A 146 -18.66 -4.71 -7.63
N THR A 147 -19.11 -5.02 -6.41
CA THR A 147 -19.96 -4.07 -5.65
C THR A 147 -19.15 -2.86 -5.15
N GLY A 148 -17.85 -3.05 -4.94
CA GLY A 148 -17.01 -1.95 -4.54
C GLY A 148 -16.92 -0.96 -5.70
N LEU A 149 -16.79 -1.50 -6.92
CA LEU A 149 -16.72 -0.66 -8.14
C LEU A 149 -18.11 -0.30 -8.68
N LYS A 150 -19.13 -0.30 -7.81
CA LYS A 150 -20.50 0.13 -8.17
C LYS A 150 -21.01 1.00 -7.02
N LYS A 151 -20.49 0.75 -5.80
CA LYS A 151 -20.95 1.50 -4.66
C LYS A 151 -19.93 2.41 -3.96
N HIS A 152 -18.64 2.17 -4.21
CA HIS A 152 -17.63 3.01 -3.53
C HIS A 152 -17.66 4.49 -4.01
N LYS A 153 -17.07 5.38 -3.20
CA LYS A 153 -17.13 6.81 -3.51
C LYS A 153 -16.23 7.29 -4.65
N PHE A 154 -15.34 6.43 -5.13
CA PHE A 154 -14.40 6.89 -6.16
C PHE A 154 -14.82 6.73 -7.61
N GLY A 155 -14.28 7.62 -8.45
CA GLY A 155 -14.42 7.62 -9.92
C GLY A 155 -15.85 7.83 -10.42
N ILE A 156 -15.93 7.76 -11.72
CA ILE A 156 -17.26 7.77 -12.35
C ILE A 156 -17.50 6.43 -13.00
N PRO A 157 -18.79 6.02 -13.08
CA PRO A 157 -19.05 4.73 -13.76
C PRO A 157 -18.49 4.78 -15.17
N LEU A 158 -17.84 3.71 -15.64
CA LEU A 158 -17.34 3.75 -16.97
C LEU A 158 -18.43 4.03 -18.04
N GLU A 159 -19.66 3.59 -17.76
CA GLU A 159 -20.81 3.85 -18.65
C GLU A 159 -21.10 5.33 -18.70
N ASP A 160 -20.59 6.15 -17.80
CA ASP A 160 -20.82 7.62 -17.85
C ASP A 160 -19.63 8.41 -18.45
N LEU A 161 -18.68 7.71 -19.07
CA LEU A 161 -17.56 8.41 -19.58
C LEU A 161 -18.02 9.37 -20.67
N ASP A 162 -18.95 8.91 -21.50
CA ASP A 162 -19.39 9.83 -22.54
C ASP A 162 -19.96 11.13 -21.95
N SER A 163 -20.74 11.03 -20.91
CA SER A 163 -21.33 12.20 -20.29
C SER A 163 -20.21 13.14 -19.79
N PHE A 164 -19.08 12.57 -19.33
CA PHE A 164 -17.97 13.42 -18.86
C PHE A 164 -17.25 14.09 -20.06
N GLU A 166 -18.41 14.75 -22.97
CA GLU A 166 -19.28 15.80 -23.54
C GLU A 166 -19.04 17.20 -22.89
N ARG A 167 -18.95 17.19 -21.56
CA ARG A 167 -18.72 18.45 -20.85
C ARG A 167 -17.34 19.00 -20.91
N PHE A 168 -16.35 18.09 -20.94
CA PHE A 168 -14.97 18.57 -20.71
C PHE A 168 -13.99 18.42 -21.84
N ARG A 169 -14.51 18.01 -22.99
CA ARG A 169 -13.67 17.86 -24.19
C ARG A 169 -12.93 19.16 -24.47
N SER A 170 -11.68 18.98 -24.94
CA SER A 170 -10.73 20.03 -25.20
C SER A 170 -9.79 20.31 -24.06
N ASN A 172 -6.93 18.99 -21.45
CA ASN A 172 -5.83 18.07 -21.70
C ASN A 172 -6.02 16.68 -21.07
N ILE A 173 -7.08 16.02 -21.49
CA ILE A 173 -7.44 14.70 -21.00
C ILE A 173 -6.67 13.66 -21.84
N ARG A 174 -5.78 12.93 -21.15
CA ARG A 174 -4.88 12.05 -21.87
C ARG A 174 -5.17 10.60 -21.77
N GLY A 175 -6.10 10.23 -20.88
CA GLY A 175 -6.40 8.84 -20.70
C GLY A 175 -7.33 8.58 -19.54
N LEU A 176 -7.52 7.30 -19.34
CA LEU A 176 -8.38 6.83 -18.23
C LEU A 176 -7.51 6.24 -17.08
N HIS A 177 -8.07 6.23 -15.90
CA HIS A 177 -7.38 5.62 -14.70
C HIS A 177 -8.35 4.63 -14.17
N VAL A 178 -7.86 3.43 -13.89
CA VAL A 178 -8.73 2.42 -13.28
C VAL A 178 -7.97 1.81 -12.10
N HIS A 179 -8.62 1.70 -10.97
CA HIS A 179 -7.96 0.98 -9.87
C HIS A 179 -9.14 0.19 -9.26
N ILE A 180 -9.08 -1.17 -9.38
CA ILE A 180 -10.26 -1.94 -9.01
C ILE A 180 -10.37 -2.54 -7.62
N GLY A 181 -9.32 -2.42 -6.82
CA GLY A 181 -9.40 -3.01 -5.51
C GLY A 181 -8.00 -3.23 -4.95
N SER A 182 -7.98 -4.01 -3.86
CA SER A 182 -6.70 -4.31 -3.24
C SER A 182 -6.68 -5.79 -2.79
N GLN A 183 -5.47 -6.31 -2.72
CA GLN A 183 -5.20 -7.64 -2.27
C GLN A 183 -5.88 -8.63 -3.22
N ILE A 184 -5.70 -8.35 -4.51
CA ILE A 184 -6.26 -9.24 -5.57
C ILE A 184 -5.24 -10.23 -6.06
N THR A 185 -5.56 -11.55 -5.92
CA THR A 185 -4.61 -12.56 -6.37
C THR A 185 -5.10 -13.39 -7.53
N ARG A 186 -6.18 -12.98 -8.09
CA ARG A 186 -6.69 -13.66 -9.29
C ARG A 186 -6.46 -12.74 -10.45
N VAL A 187 -6.18 -13.34 -11.58
CA VAL A 187 -5.86 -12.49 -12.75
C VAL A 187 -7.12 -12.06 -13.48
N GLU A 188 -8.14 -12.92 -13.48
CA GLU A 188 -9.34 -12.59 -14.26
C GLU A 188 -10.03 -11.23 -14.00
N PRO A 189 -10.07 -10.78 -12.76
CA PRO A 189 -10.73 -9.48 -12.51
C PRO A 189 -9.98 -8.37 -13.25
N PHE A 190 -8.67 -8.46 -13.28
CA PHE A 190 -7.89 -7.47 -14.01
C PHE A 190 -8.16 -7.57 -15.50
N VAL A 191 -8.19 -8.80 -16.01
CA VAL A 191 -8.47 -8.89 -17.45
C VAL A 191 -9.83 -8.31 -17.80
N GLU A 192 -10.86 -8.61 -17.01
CA GLU A 192 -12.21 -8.12 -17.26
C GLU A 192 -12.28 -6.60 -17.19
N ALA A 193 -11.75 -6.04 -16.10
CA ALA A 193 -11.87 -4.57 -15.96
C ALA A 193 -11.05 -3.92 -17.03
N PHE A 194 -9.82 -4.36 -17.24
CA PHE A 194 -8.96 -3.65 -18.20
C PHE A 194 -9.39 -3.75 -19.63
N SER A 195 -9.93 -4.90 -19.98
CA SER A 195 -10.34 -4.99 -21.40
C SER A 195 -11.43 -3.94 -21.62
N LYS A 196 -12.30 -3.70 -20.64
CA LYS A 196 -13.31 -2.68 -20.92
C LYS A 196 -12.72 -1.30 -20.97
N VAL A 197 -11.84 -1.04 -20.02
CA VAL A 197 -11.23 0.32 -20.05
C VAL A 197 -10.37 0.57 -21.28
N VAL A 198 -9.61 -0.45 -21.73
CA VAL A 198 -8.81 -0.29 -22.93
C VAL A 198 -9.82 -0.11 -24.10
N ARG A 199 -10.92 -0.84 -24.09
CA ARG A 199 -11.83 -0.61 -25.26
C ARG A 199 -12.34 0.83 -25.31
N ALA A 200 -12.69 1.33 -24.15
CA ALA A 200 -13.16 2.71 -24.05
C ALA A 200 -12.08 3.67 -24.45
N SER A 201 -10.82 3.44 -24.05
CA SER A 201 -9.71 4.30 -24.41
C SER A 201 -9.58 4.37 -25.96
N GLU A 202 -9.74 3.21 -26.64
CA GLU A 202 -9.58 3.18 -28.08
C GLU A 202 -10.69 3.97 -28.74
N ARG A 203 -11.93 3.88 -28.23
CA ARG A 203 -13.00 4.73 -28.83
C ARG A 203 -12.57 6.21 -28.81
N TYR A 204 -11.94 6.73 -27.74
CA TYR A 204 -11.47 8.11 -27.70
C TYR A 204 -10.07 8.36 -28.23
N GLY A 205 -9.34 7.30 -28.53
CA GLY A 205 -8.00 7.43 -29.09
C GLY A 205 -6.96 7.92 -28.06
N PHE A 206 -7.23 7.60 -26.80
CA PHE A 206 -6.24 8.04 -25.77
C PHE A 206 -4.91 7.24 -25.94
N GLU A 207 -3.75 7.88 -25.79
CA GLU A 207 -2.50 7.26 -25.96
C GLU A 207 -1.82 6.87 -24.61
N GLU A 208 -2.53 7.15 -23.52
CA GLU A 208 -1.96 6.79 -22.16
C GLU A 208 -3.06 6.17 -21.36
N ILE A 209 -2.67 5.48 -20.31
CA ILE A 209 -3.58 4.86 -19.43
C ILE A 209 -2.92 4.61 -18.06
N ASN A 210 -3.72 4.66 -16.97
CA ASN A 210 -3.15 4.37 -15.64
C ASN A 210 -4.02 3.25 -15.11
N ILE A 211 -3.40 2.09 -14.90
CA ILE A 211 -4.18 0.93 -14.50
C ILE A 211 -4.12 0.63 -13.00
N GLY A 212 -3.72 1.64 -12.23
CA GLY A 212 -3.85 1.41 -10.80
C GLY A 212 -2.98 0.36 -10.20
N GLY A 213 -3.47 -0.25 -9.15
CA GLY A 213 -2.58 -1.24 -8.47
C GLY A 213 -3.40 -2.39 -7.94
N GLY A 214 -3.13 -2.81 -6.71
CA GLY A 214 -3.97 -3.81 -6.17
C GLY A 214 -3.49 -5.22 -6.21
N TRP A 215 -2.27 -5.43 -6.69
CA TRP A 215 -1.77 -6.80 -6.74
C TRP A 215 -1.67 -7.37 -5.31
N GLY A 216 -2.26 -8.55 -5.11
CA GLY A 216 -2.20 -9.17 -3.79
C GLY A 216 -0.94 -9.96 -3.51
N ILE A 217 -0.73 -10.18 -2.20
CA ILE A 217 0.42 -10.98 -1.74
C ILE A 217 0.01 -12.23 -1.00
N ASN A 218 1.02 -13.06 -0.75
CA ASN A 218 0.78 -14.33 -0.04
C ASN A 218 0.76 -14.10 1.49
N TYR A 219 -0.47 -13.88 2.00
CA TYR A 219 -0.61 -13.73 3.48
C TYR A 219 -0.83 -15.09 4.13
N SER A 220 -1.59 -15.96 3.44
CA SER A 220 -1.89 -17.26 4.07
C SER A 220 -1.97 -18.37 3.02
N GLY A 221 -1.40 -18.09 1.84
CA GLY A 221 -1.29 -19.13 0.82
C GLY A 221 -1.68 -18.71 -0.58
N GLU A 222 -2.31 -17.57 -0.76
CA GLU A 222 -2.70 -17.10 -2.10
C GLU A 222 -1.48 -16.47 -2.77
N GLU A 223 -1.51 -16.44 -4.10
CA GLU A 223 -0.40 -15.83 -4.81
C GLU A 223 -0.97 -15.36 -6.15
N LEU A 224 -0.53 -14.18 -6.62
CA LEU A 224 -0.98 -13.66 -7.92
C LEU A 224 -0.05 -14.24 -8.95
N ASP A 225 -0.60 -15.02 -9.92
CA ASP A 225 0.24 -15.72 -10.90
C ASP A 225 0.77 -14.72 -11.94
N LEU A 226 2.01 -14.33 -11.80
CA LEU A 226 2.64 -13.29 -12.64
C LEU A 226 2.83 -13.76 -14.07
N SER A 227 2.99 -15.08 -14.23
CA SER A 227 3.06 -15.62 -15.62
C SER A 227 1.75 -15.42 -16.37
N SER A 228 0.65 -15.76 -15.72
CA SER A 228 -0.64 -15.62 -16.28
C SER A 228 -0.94 -14.14 -16.51
N TYR A 229 -0.57 -13.33 -15.52
CA TYR A 229 -0.81 -11.86 -15.68
C TYR A 229 -0.06 -11.30 -16.90
N ARG A 230 1.22 -11.67 -17.05
CA ARG A 230 2.01 -11.14 -18.14
C ARG A 230 1.42 -11.63 -19.49
N GLU A 231 0.92 -12.87 -19.52
CA GLU A 231 0.31 -13.48 -20.75
C GLU A 231 -1.07 -12.93 -21.09
N LYS A 232 -1.92 -12.68 -20.09
CA LYS A 232 -3.29 -12.22 -20.33
C LYS A 232 -3.51 -10.70 -20.25
N VAL A 233 -2.81 -10.02 -19.39
CA VAL A 233 -3.07 -8.55 -19.24
C VAL A 233 -2.14 -7.67 -20.01
N VAL A 234 -0.84 -7.94 -19.98
CA VAL A 234 0.12 -7.04 -20.60
C VAL A 234 -0.01 -6.79 -22.09
N PRO A 235 -0.33 -7.82 -22.88
CA PRO A 235 -0.44 -7.51 -24.32
C PRO A 235 -1.37 -6.39 -24.75
N ASP A 236 -2.45 -6.22 -24.01
CA ASP A 236 -3.45 -5.20 -24.31
C ASP A 236 -2.83 -3.83 -24.07
N LEU A 237 -1.76 -3.77 -23.27
CA LEU A 237 -1.24 -2.50 -22.79
C LEU A 237 -0.16 -1.97 -23.71
N LYS A 238 0.16 -2.73 -24.76
CA LYS A 238 1.39 -2.52 -25.52
C LYS A 238 1.24 -1.37 -26.50
N ARG A 239 0.00 -0.98 -26.77
CA ARG A 239 -0.29 0.02 -27.79
C ARG A 239 0.06 1.42 -27.29
N PHE A 240 0.02 1.60 -25.98
CA PHE A 240 0.07 2.94 -25.40
C PHE A 240 1.41 3.57 -25.37
N LYS A 241 1.47 4.90 -25.53
CA LYS A 241 2.71 5.61 -25.47
C LYS A 241 3.18 5.65 -23.98
N ARG A 242 2.22 5.59 -23.03
CA ARG A 242 2.63 5.55 -21.60
C ARG A 242 1.59 4.76 -20.83
N VAL A 243 2.03 3.84 -19.96
CA VAL A 243 1.15 3.06 -19.09
C VAL A 243 1.66 3.36 -17.69
N ILE A 244 0.77 3.79 -16.81
CA ILE A 244 1.21 4.06 -15.44
C ILE A 244 0.60 2.98 -14.56
N VAL A 245 1.36 2.52 -13.53
CA VAL A 245 0.79 1.58 -12.58
C VAL A 245 1.08 2.23 -11.21
N GLU A 246 0.28 1.85 -10.22
CA GLU A 246 0.33 2.41 -8.89
C GLU A 246 0.36 1.28 -7.92
N ILE A 247 1.57 0.76 -7.63
CA ILE A 247 1.65 -0.43 -6.75
C ILE A 247 2.12 -0.08 -5.35
N GLY A 248 1.41 -0.55 -4.34
CA GLY A 248 1.83 -0.28 -2.95
C GLY A 248 2.17 -1.60 -2.26
N ARG A 249 1.14 -2.29 -1.81
CA ARG A 249 1.31 -3.51 -0.98
C ARG A 249 2.30 -4.53 -1.58
N TYR A 250 2.19 -4.80 -2.89
CA TYR A 250 2.97 -5.90 -3.44
C TYR A 250 4.50 -5.66 -3.27
N ILE A 251 4.88 -4.38 -3.25
CA ILE A 251 6.29 -4.08 -3.16
C ILE A 251 6.74 -3.99 -1.75
N VAL A 252 6.00 -3.25 -0.94
CA VAL A 252 6.58 -2.95 0.39
C VAL A 252 6.17 -3.94 1.46
N ALA A 253 4.98 -4.57 1.32
CA ALA A 253 4.57 -5.49 2.41
C ALA A 253 5.55 -6.55 2.79
N PRO A 254 6.09 -7.29 1.81
CA PRO A 254 7.01 -8.39 2.17
C PRO A 254 8.36 -7.92 2.69
N SER A 255 8.65 -6.66 2.44
CA SER A 255 9.95 -6.12 2.89
C SER A 255 10.00 -5.86 4.40
N GLY A 256 8.81 -5.86 5.03
CA GLY A 256 8.77 -5.52 6.43
C GLY A 256 8.33 -6.65 7.38
N TYR A 257 9.02 -6.77 8.51
CA TYR A 257 8.50 -7.53 9.64
C TYR A 257 8.15 -6.61 10.80
N LEU A 258 7.18 -7.04 11.61
CA LEU A 258 6.90 -6.37 12.88
C LEU A 258 7.42 -7.18 14.06
N LEU A 259 8.30 -6.57 14.84
CA LEU A 259 8.90 -7.25 15.99
C LEU A 259 8.24 -6.81 17.29
N LEU A 260 7.74 -7.79 18.05
CA LEU A 260 7.15 -7.52 19.35
C LEU A 260 7.72 -8.44 20.42
N ARG A 261 8.03 -7.87 21.58
CA ARG A 261 8.51 -8.65 22.71
C ARG A 261 7.36 -9.20 23.56
N VAL A 262 7.52 -10.43 24.02
CA VAL A 262 6.45 -11.10 24.83
C VAL A 262 6.59 -10.59 26.21
N VAL A 263 5.50 -10.08 26.79
CA VAL A 263 5.55 -9.50 28.18
C VAL A 263 5.17 -10.65 29.14
N LEU A 264 4.17 -11.42 28.80
CA LEU A 264 3.80 -12.60 29.66
C LEU A 264 3.04 -13.54 28.85
N VAL A 265 2.99 -14.80 29.33
CA VAL A 265 2.20 -15.79 28.69
C VAL A 265 1.11 -16.19 29.67
N LYS A 266 -0.12 -15.80 29.34
CA LYS A 266 -1.25 -16.00 30.24
C LYS A 266 -1.97 -17.24 29.90
N ARG A 267 -2.06 -18.16 30.86
CA ARG A 267 -2.80 -19.38 30.62
C ARG A 267 -4.20 -19.42 31.20
N ARG A 268 -5.15 -19.86 30.38
CA ARG A 268 -6.51 -20.02 30.88
C ARG A 268 -7.02 -21.37 30.42
N HIS A 269 -6.70 -22.40 31.20
CA HIS A 269 -7.17 -23.73 30.86
C HIS A 269 -6.72 -24.14 29.43
N ASN A 270 -7.71 -24.40 28.57
CA ASN A 270 -7.54 -24.79 27.17
C ASN A 270 -6.71 -23.76 26.40
N LYS A 271 -6.97 -22.47 26.64
CA LYS A 271 -6.27 -21.46 25.87
C LYS A 271 -5.12 -20.73 26.50
N ALA A 272 -4.31 -20.11 25.66
CA ALA A 272 -3.12 -19.36 26.09
C ALA A 272 -3.13 -18.05 25.33
N PHE A 273 -2.80 -16.96 26.02
CA PHE A 273 -2.72 -15.60 25.41
C PHE A 273 -1.26 -15.17 25.63
N VAL A 274 -0.54 -15.02 24.53
CA VAL A 274 0.84 -14.55 24.55
C VAL A 274 0.66 -13.02 24.43
N VAL A 275 0.93 -12.32 25.49
CA VAL A 275 0.75 -10.85 25.53
C VAL A 275 2.05 -10.17 25.17
N VAL A 276 2.02 -9.36 24.11
CA VAL A 276 3.16 -8.64 23.64
C VAL A 276 3.04 -7.16 23.85
N ASP A 277 4.11 -6.44 23.54
CA ASP A 277 4.22 -5.02 23.90
C ASP A 277 3.62 -4.01 22.91
N GLY A 278 2.94 -4.51 21.89
CA GLY A 278 2.24 -3.62 20.96
C GLY A 278 1.07 -4.41 20.41
N GLY A 279 -0.04 -3.72 20.07
CA GLY A 279 -1.22 -4.37 19.58
C GLY A 279 -1.82 -3.59 18.38
N ASN A 281 -2.50 -0.65 18.35
CA ASN A 281 -1.96 0.71 18.26
C ASN A 281 -0.76 0.65 17.26
N VAL A 282 -0.17 -0.54 17.08
CA VAL A 282 1.04 -0.72 16.21
C VAL A 282 0.68 -1.24 14.81
N LEU A 283 -0.22 -2.23 14.77
CA LEU A 283 -0.67 -2.92 13.58
C LEU A 283 -2.20 -3.07 13.73
N ILE A 284 -2.94 -2.37 12.91
CA ILE A 284 -4.37 -2.40 13.06
C ILE A 284 -5.08 -3.39 12.17
N ARG A 285 -4.42 -3.77 11.08
CA ARG A 285 -4.97 -4.70 10.08
C ARG A 285 -5.79 -5.88 10.66
N PRO A 286 -5.18 -6.71 11.56
CA PRO A 286 -5.90 -7.85 12.15
C PRO A 286 -7.25 -7.54 12.84
N ALA A 287 -7.38 -6.34 13.42
CA ALA A 287 -8.62 -5.96 14.12
C ALA A 287 -9.58 -5.11 13.26
N LEU A 288 -9.06 -4.45 12.21
CA LEU A 288 -9.88 -3.58 11.34
C LEU A 288 -10.31 -4.26 10.04
N TYR A 289 -9.42 -5.13 9.57
CA TYR A 289 -9.60 -5.86 8.32
C TYR A 289 -9.70 -7.37 8.51
N SER A 290 -9.20 -7.82 9.65
CA SER A 290 -9.13 -9.26 9.96
C SER A 290 -8.01 -9.95 9.12
N ALA A 291 -7.12 -9.21 8.48
CA ALA A 291 -6.14 -9.94 7.71
C ALA A 291 -5.23 -10.82 8.59
N TYR A 292 -4.85 -11.89 7.96
CA TYR A 292 -4.03 -12.91 8.54
C TYR A 292 -2.58 -12.67 8.25
N HIS A 293 -1.69 -12.49 9.24
CA HIS A 293 -0.27 -12.38 8.97
C HIS A 293 0.35 -13.61 9.63
N ARG A 294 1.25 -14.32 8.95
CA ARG A 294 1.94 -15.39 9.63
C ARG A 294 2.88 -14.78 10.69
N ILE A 295 3.11 -15.54 11.74
CA ILE A 295 4.02 -15.09 12.81
C ILE A 295 5.04 -16.18 13.15
N PHE A 296 6.14 -15.80 13.78
CA PHE A 296 7.08 -16.82 14.27
C PHE A 296 7.82 -16.30 15.46
N VAL A 297 8.53 -17.15 16.19
CA VAL A 297 9.25 -16.70 17.38
C VAL A 297 10.69 -16.74 17.02
N LEU A 298 11.41 -15.65 17.24
CA LEU A 298 12.81 -15.60 16.88
C LEU A 298 13.63 -16.65 17.64
N GLY A 299 14.33 -17.45 16.84
CA GLY A 299 15.22 -18.43 17.46
C GLY A 299 14.60 -19.70 17.94
N LYS A 300 13.30 -19.88 17.70
CA LYS A 300 12.58 -21.05 18.17
C LYS A 300 11.67 -21.62 17.13
N GLN A 301 11.54 -22.95 17.11
CA GLN A 301 10.66 -23.57 16.18
C GLN A 301 9.90 -24.65 17.02
N GLY A 302 8.70 -24.98 16.64
CA GLY A 302 8.00 -25.98 17.41
C GLY A 302 6.53 -25.78 17.31
N LYS A 303 5.78 -26.74 17.84
CA LYS A 303 4.33 -26.62 17.76
C LYS A 303 3.62 -27.05 19.02
N GLU A 304 4.35 -26.98 20.13
CA GLU A 304 3.77 -27.47 21.38
C GLU A 304 2.76 -26.57 22.09
N ARG A 306 -0.63 -23.72 21.67
CA ARG A 306 -1.60 -23.07 20.81
C ARG A 306 -1.94 -21.80 21.53
N ALA A 307 -1.93 -20.63 20.86
CA ALA A 307 -2.19 -19.40 21.57
C ALA A 307 -2.70 -18.32 20.63
N ASP A 308 -3.35 -17.32 21.22
CA ASP A 308 -3.68 -16.10 20.49
C ASP A 308 -2.50 -15.21 20.92
N VAL A 309 -2.03 -14.31 20.03
CA VAL A 309 -1.02 -13.37 20.38
C VAL A 309 -1.80 -12.02 20.44
N VAL A 310 -1.81 -11.45 21.63
CA VAL A 310 -2.62 -10.22 21.87
C VAL A 310 -1.75 -9.06 22.40
N GLY A 311 -2.29 -7.83 22.19
CA GLY A 311 -1.64 -6.63 22.63
C GLY A 311 -2.00 -6.38 24.09
N PRO A 312 -1.36 -5.37 24.66
CA PRO A 312 -1.49 -4.93 26.04
C PRO A 312 -2.56 -3.87 26.22
N LEU A 313 -3.37 -3.63 25.20
CA LEU A 313 -4.39 -2.54 25.33
C LEU A 313 -5.68 -3.05 25.88
N CYS A 314 -6.33 -2.15 26.59
CA CYS A 314 -7.55 -2.38 27.29
C CYS A 314 -8.71 -2.34 26.31
N GLU A 315 -8.57 -3.11 25.23
CA GLU A 315 -9.60 -3.17 24.20
C GLU A 315 -9.85 -4.63 23.78
N SER A 316 -11.11 -5.03 23.59
CA SER A 316 -11.41 -6.43 23.20
C SER A 316 -10.75 -7.02 21.92
N GLY A 317 -10.75 -6.33 20.77
CA GLY A 317 -10.14 -6.92 19.58
C GLY A 317 -8.66 -6.52 19.35
N ASP A 318 -7.95 -6.26 20.43
CA ASP A 318 -6.54 -5.85 20.29
C ASP A 318 -5.77 -7.16 20.24
N VAL A 319 -5.84 -7.79 19.06
CA VAL A 319 -5.25 -9.08 18.73
C VAL A 319 -4.34 -9.05 17.50
N ILE A 320 -3.16 -9.62 17.65
CA ILE A 320 -2.21 -9.63 16.54
C ILE A 320 -2.44 -10.91 15.71
N ALA A 321 -2.70 -12.00 16.40
CA ALA A 321 -2.85 -13.33 15.73
C ALA A 321 -3.71 -14.22 16.58
N TYR A 322 -4.68 -14.83 15.92
CA TYR A 322 -5.57 -15.78 16.61
C TYR A 322 -5.19 -17.25 16.38
N ASP A 323 -5.26 -18.06 17.46
CA ASP A 323 -5.10 -19.50 17.40
C ASP A 323 -3.92 -20.00 16.55
N ARG A 324 -2.71 -19.74 16.96
CA ARG A 324 -1.57 -20.19 16.15
C ARG A 324 -0.79 -21.26 16.88
N GLU A 325 -0.24 -22.22 16.12
CA GLU A 325 0.61 -23.18 16.79
C GLU A 325 1.99 -22.58 16.85
N LEU A 326 2.62 -22.65 18.01
CA LEU A 326 3.91 -22.03 18.24
C LEU A 326 4.78 -22.87 19.17
N PRO A 327 6.07 -22.56 19.26
CA PRO A 327 6.91 -23.27 20.23
C PRO A 327 6.51 -22.75 21.63
N GLU A 328 7.09 -23.31 22.68
CA GLU A 328 6.76 -22.85 24.04
C GLU A 328 7.28 -21.47 24.28
N VAL A 329 6.42 -20.50 24.19
CA VAL A 329 6.83 -19.15 24.34
C VAL A 329 7.05 -18.79 25.78
N GLU A 330 8.08 -18.00 25.97
CA GLU A 330 8.43 -17.46 27.27
C GLU A 330 8.53 -15.94 27.27
N PRO A 331 8.26 -15.34 28.41
CA PRO A 331 8.39 -13.90 28.52
C PRO A 331 9.80 -13.56 28.04
N GLY A 332 9.91 -12.43 27.32
CA GLY A 332 11.20 -11.98 26.77
C GLY A 332 11.46 -12.52 25.35
N ASP A 333 10.70 -13.49 24.88
CA ASP A 333 10.88 -14.00 23.53
C ASP A 333 10.41 -12.85 22.59
N ILE A 334 10.79 -12.96 21.34
CA ILE A 334 10.38 -11.96 20.32
C ILE A 334 9.51 -12.64 19.29
N ILE A 335 8.33 -12.03 18.99
CA ILE A 335 7.43 -12.54 18.00
C ILE A 335 7.64 -11.66 16.75
N ALA A 336 7.76 -12.30 15.56
CA ALA A 336 7.92 -11.54 14.33
C ALA A 336 6.67 -11.77 13.54
N VAL A 337 6.15 -10.65 13.05
CA VAL A 337 4.91 -10.72 12.25
C VAL A 337 5.39 -10.42 10.79
N GLU A 338 5.12 -11.36 9.92
CA GLU A 338 5.52 -11.14 8.48
C GLU A 338 4.56 -10.27 7.70
N ASN A 339 5.03 -9.75 6.53
CA ASN A 339 4.21 -8.95 5.60
C ASN A 339 3.64 -7.73 6.29
N ALA A 340 4.51 -7.07 7.05
CA ALA A 340 4.10 -5.95 7.90
C ALA A 340 4.54 -4.62 7.32
N GLY A 341 5.05 -4.67 6.06
CA GLY A 341 5.66 -3.44 5.47
C GLY A 341 4.61 -2.49 4.82
N ALA A 342 3.36 -2.92 4.62
CA ALA A 342 2.33 -2.07 4.00
C ALA A 342 1.19 -1.89 4.90
N TYR A 343 0.63 -0.68 4.95
CA TYR A 343 -0.58 -0.39 5.82
C TYR A 343 -0.33 -0.86 7.26
N GLY A 344 0.93 -0.69 7.71
CA GLY A 344 1.42 -1.12 9.03
C GLY A 344 1.65 0.18 9.83
N TYR A 345 2.85 0.72 9.70
CA TYR A 345 3.13 1.98 10.43
C TYR A 345 2.19 3.05 10.03
N THR A 346 1.76 3.03 8.78
CA THR A 346 0.91 4.13 8.33
C THR A 346 -0.48 4.14 9.02
N SER A 348 -0.60 3.12 12.30
CA SER A 348 -0.32 3.09 13.76
C SER A 348 -0.91 4.37 14.40
N ASN A 349 -1.13 4.31 15.69
CA ASN A 349 -1.80 5.41 16.35
C ASN A 349 -1.38 5.43 17.80
N ASN A 350 -2.10 6.27 18.56
CA ASN A 350 -1.70 6.37 20.01
C ASN A 350 -2.83 5.91 20.92
N TYR A 351 -3.66 4.97 20.45
CA TYR A 351 -4.81 4.57 21.31
C TYR A 351 -4.23 4.02 22.61
N ASN A 352 -4.99 4.26 23.72
CA ASN A 352 -4.58 3.93 25.13
C ASN A 352 -3.28 4.73 25.51
N SER A 353 -3.09 5.87 24.87
CA SER A 353 -1.89 6.69 25.11
C SER A 353 -0.62 5.88 25.00
N THR A 354 -0.55 5.14 23.93
CA THR A 354 0.65 4.30 23.58
C THR A 354 1.51 5.12 22.64
N THR A 355 2.72 4.64 22.52
CA THR A 355 3.70 5.31 21.66
C THR A 355 3.83 4.57 20.35
N ARG A 356 4.10 5.31 19.26
CA ARG A 356 4.25 4.63 17.97
C ARG A 356 5.63 3.91 17.94
N PRO A 357 5.77 2.86 17.18
CA PRO A 357 6.96 2.02 17.07
C PRO A 357 8.10 2.70 16.33
N ALA A 358 9.27 2.07 16.50
CA ALA A 358 10.43 2.49 15.74
C ALA A 358 10.34 1.75 14.34
N GLU A 359 11.09 2.27 13.39
CA GLU A 359 11.29 1.57 12.09
C GLU A 359 12.78 1.52 11.82
N VAL A 360 13.22 0.35 11.34
CA VAL A 360 14.65 0.25 11.01
C VAL A 360 14.82 -0.41 9.67
N LEU A 361 15.89 -0.01 8.99
CA LEU A 361 16.19 -0.51 7.65
C LEU A 361 17.44 -1.33 7.66
N VAL A 362 17.35 -2.56 7.21
CA VAL A 362 18.58 -3.42 7.08
C VAL A 362 19.00 -3.20 5.64
N ARG A 363 20.17 -2.59 5.47
CA ARG A 363 20.65 -2.20 4.11
C ARG A 363 21.32 -3.40 3.47
N GLU A 364 21.50 -3.28 2.18
CA GLU A 364 22.07 -4.44 1.48
C GLU A 364 23.51 -4.70 1.95
N ASN A 365 24.18 -3.68 2.40
CA ASN A 365 25.58 -3.93 2.82
C ASN A 365 25.64 -4.47 4.21
N GLY A 366 24.45 -4.68 4.81
CA GLY A 366 24.33 -5.20 6.15
C GLY A 366 24.18 -4.14 7.26
N ARG A 367 24.35 -2.87 6.97
CA ARG A 367 24.25 -1.82 7.98
C ARG A 367 22.79 -1.74 8.44
N ILE A 368 22.59 -1.54 9.74
CA ILE A 368 21.27 -1.47 10.34
C ILE A 368 21.10 -0.05 10.66
N SER A 369 20.10 0.57 10.05
CA SER A 369 19.85 2.00 10.19
C SER A 369 18.49 2.31 10.80
N LEU A 370 18.51 3.13 11.82
CA LEU A 370 17.21 3.58 12.35
C LEU A 370 16.62 4.58 11.27
N ILE A 371 15.38 4.34 10.86
CA ILE A 371 14.70 5.21 9.90
C ILE A 371 13.41 5.77 10.47
N ARG A 372 13.13 5.43 11.73
CA ARG A 372 11.99 6.00 12.43
C ARG A 372 12.10 5.78 13.93
N ARG A 373 12.53 6.82 14.65
CA ARG A 373 12.74 6.73 16.09
C ARG A 373 11.45 6.35 16.81
N ARG A 374 11.57 5.99 18.09
CA ARG A 374 10.43 5.61 18.88
C ARG A 374 9.82 6.81 19.61
N GLU A 375 8.53 7.05 19.38
CA GLU A 375 7.79 8.03 20.14
C GLU A 375 8.04 7.88 21.64
N THR A 376 8.36 8.98 22.31
CA THR A 376 8.36 9.04 23.77
C THR A 376 6.94 9.21 24.31
N GLU A 377 6.82 9.16 25.63
CA GLU A 377 5.54 9.43 26.28
C GLU A 377 5.15 10.90 26.13
N ASP A 379 5.86 12.77 23.54
CA ASP A 379 5.31 12.87 22.16
C ASP A 379 3.78 12.69 22.13
N ILE A 380 3.27 11.81 22.97
CA ILE A 380 1.83 11.62 23.00
C ILE A 380 1.10 12.98 23.21
N PHE A 381 1.65 13.89 24.05
CA PHE A 381 0.98 15.11 24.40
C PHE A 381 1.61 16.32 23.73
N LYS A 382 2.42 16.05 22.67
CA LYS A 382 3.15 17.14 21.97
C LYS A 382 2.23 18.28 21.50
N ASP A 383 0.95 18.00 21.21
CA ASP A 383 0.14 19.06 20.65
C ASP A 383 -0.93 19.59 21.61
N VAL A 384 -0.84 19.15 22.87
CA VAL A 384 -1.79 19.65 23.86
C VAL A 384 -1.49 21.12 24.13
N VAL A 385 -2.51 21.96 24.23
CA VAL A 385 -2.30 23.34 24.53
C VAL A 385 -2.93 23.56 25.90
#